data_7G8H
#
_entry.id   7G8H
#
_cell.length_a   71.450
_cell.length_b   71.450
_cell.length_c   196.203
_cell.angle_alpha   90.000
_cell.angle_beta   90.000
_cell.angle_gamma   90.000
#
_symmetry.space_group_name_H-M   'P 43 21 2'
#
loop_
_entity.id
_entity.type
_entity.pdbx_description
1 polymer 'Transforming protein RhoA'
2 polymer 'Rho guanine nucleotide exchange factor 2'
3 non-polymer 5-methoxy-1H-pyrrolo[3,2-b]pyridine
4 non-polymer 'DIMETHYL SULFOXIDE'
5 non-polymer 'FORMIC ACID'
6 water water
#
loop_
_entity_poly.entity_id
_entity_poly.type
_entity_poly.pdbx_seq_one_letter_code
_entity_poly.pdbx_strand_id
1 'polypeptide(L)'
;SMAAIRKKLVIVGDGACGKTCLLIVFSKDQFPEVYVPTVFENYVADIEVDGKQVELALWDTAGQEDYDRLRPLSYPDTDV
ILMCFSIDSPDSLENIPEKWTPEVKHFCPNVPIILVGNKKDLRNDEHTRRELAKMKQEPVKPEEGRDMANRIGAFGYMEC
SAKTKDGVREVFEMATRAALQARRG
;
A
2 'polypeptide(L)'
;SMEMDEKDFAADSWSLAVDSSFLQQHKKEVMKQQDVIYELIQTELHHVRTLKIMTRLFRTGMLEELHLEPGVVQGLFPCV
DELSDIHTRFLSQLLERRRQALCPGSTRNFVIHRLGDLLISQFSGPSAEQMCKTYSEFCSRHSKALKLYKELYARDKRFQ
QFIRKVTRPAVLKRHGVQECILLVTQRITKYPLLISRILQHSHGIEEERQDLTTALGLVKELLSNVDEGIYQLEKGARLQ
EIYNR
;
B
#
loop_
_chem_comp.id
_chem_comp.type
_chem_comp.name
_chem_comp.formula
DMS non-polymer 'DIMETHYL SULFOXIDE' 'C2 H6 O S'
FMT non-polymer 'FORMIC ACID' 'C H2 O2'
YXU non-polymer 5-methoxy-1H-pyrrolo[3,2-b]pyridine 'C8 H8 N2 O'
#
# COMPACT_ATOMS: atom_id res chain seq x y z
N ALA A 4 13.86 -9.24 19.32
CA ALA A 4 12.96 -8.20 18.80
C ALA A 4 11.56 -8.75 18.57
N ILE A 5 10.57 -8.15 19.24
CA ILE A 5 9.19 -8.59 19.09
C ILE A 5 8.61 -7.87 17.83
N ARG A 6 7.66 -8.50 17.13
CA ARG A 6 7.06 -7.91 15.95
C ARG A 6 5.75 -7.21 16.31
N LYS A 7 5.58 -5.93 15.92
CA LYS A 7 4.37 -5.16 16.16
C LYS A 7 3.87 -4.56 14.84
N LYS A 8 2.56 -4.31 14.73
CA LYS A 8 1.97 -3.78 13.51
C LYS A 8 1.33 -2.42 13.77
N LEU A 9 1.65 -1.45 12.91
CA LEU A 9 1.14 -0.09 12.96
C LEU A 9 0.36 0.19 11.65
N VAL A 10 -0.80 0.83 11.76
CA VAL A 10 -1.57 1.24 10.59
C VAL A 10 -1.90 2.72 10.74
N ILE A 11 -1.75 3.51 9.68
CA ILE A 11 -2.11 4.91 9.73
CA ILE A 11 -2.12 4.93 9.71
C ILE A 11 -3.43 5.13 8.96
N VAL A 12 -4.35 5.87 9.60
CA VAL A 12 -5.66 6.17 9.01
CA VAL A 12 -5.66 6.15 9.07
C VAL A 12 -5.88 7.69 9.01
N GLY A 13 -6.83 8.15 8.21
CA GLY A 13 -7.14 9.58 8.09
C GLY A 13 -7.55 9.95 6.67
N ASP A 14 -8.07 11.15 6.49
CA ASP A 14 -8.54 11.60 5.17
C ASP A 14 -7.40 11.62 4.13
N GLY A 15 -7.79 11.50 2.85
CA GLY A 15 -6.86 11.50 1.74
C GLY A 15 -5.80 12.61 1.73
N ALA A 16 -6.13 13.82 2.21
CA ALA A 16 -5.12 14.89 2.20
C ALA A 16 -4.49 15.16 3.57
N CYS A 17 -4.53 14.17 4.47
CA CYS A 17 -4.00 14.34 5.83
C CYS A 17 -2.47 14.24 5.94
N GLY A 18 -1.79 13.77 4.88
CA GLY A 18 -0.34 13.62 4.89
C GLY A 18 0.20 12.30 5.44
N LYS A 19 -0.67 11.27 5.58
CA LYS A 19 -0.22 9.98 6.11
CA LYS A 19 -0.21 9.98 6.12
C LYS A 19 0.87 9.30 5.26
N THR A 20 0.75 9.36 3.93
CA THR A 20 1.73 8.72 3.05
C THR A 20 3.08 9.38 3.19
N CYS A 21 3.09 10.73 3.20
CA CYS A 21 4.34 11.45 3.34
CA CYS A 21 4.37 11.43 3.33
C CYS A 21 5.03 11.18 4.66
N LEU A 22 4.23 11.06 5.73
CA LEU A 22 4.78 10.78 7.04
C LEU A 22 5.51 9.42 7.07
N LEU A 23 4.86 8.35 6.53
CA LEU A 23 5.48 7.01 6.46
C LEU A 23 6.76 7.03 5.60
N ILE A 24 6.72 7.73 4.45
CA ILE A 24 7.89 7.83 3.55
C ILE A 24 9.08 8.52 4.28
N VAL A 25 8.84 9.68 4.88
CA VAL A 25 9.90 10.43 5.56
C VAL A 25 10.51 9.62 6.71
N PHE A 26 9.68 8.92 7.51
CA PHE A 26 10.23 8.11 8.60
C PHE A 26 11.06 6.93 8.08
N SER A 27 10.54 6.20 7.08
CA SER A 27 11.19 5.00 6.61
C SER A 27 12.43 5.20 5.76
N LYS A 28 12.46 6.28 4.98
CA LYS A 28 13.58 6.48 4.07
C LYS A 28 14.89 6.83 4.72
N ASP A 29 15.96 6.16 4.26
CA ASP A 29 17.32 6.50 4.65
C ASP A 29 17.60 7.67 3.69
N GLN A 30 17.87 8.86 4.23
CA GLN A 30 18.08 10.09 3.44
C GLN A 30 16.73 10.67 2.96
N PHE A 31 16.45 11.93 3.31
CA PHE A 31 15.23 12.66 2.95
C PHE A 31 14.97 12.72 1.42
N PRO A 32 13.70 12.57 0.96
CA PRO A 32 13.43 12.64 -0.50
C PRO A 32 13.59 14.03 -1.14
N GLU A 33 14.79 14.36 -1.57
CA GLU A 33 15.08 15.65 -2.19
C GLU A 33 14.84 15.69 -3.70
N VAL A 34 14.80 14.52 -4.36
CA VAL A 34 14.65 14.48 -5.81
C VAL A 34 13.21 14.10 -6.26
N TYR A 35 12.56 13.20 -5.52
CA TYR A 35 11.22 12.75 -5.87
C TYR A 35 10.51 12.23 -4.65
N VAL A 36 9.28 12.73 -4.40
CA VAL A 36 8.50 12.24 -3.28
C VAL A 36 7.55 11.19 -3.85
N PRO A 37 7.69 9.93 -3.45
CA PRO A 37 6.81 8.88 -4.00
C PRO A 37 5.31 9.14 -3.82
N THR A 38 4.51 8.68 -4.80
CA THR A 38 3.07 8.79 -4.78
C THR A 38 2.47 7.82 -3.75
N VAL A 39 3.04 6.60 -3.66
CA VAL A 39 2.51 5.58 -2.80
C VAL A 39 3.57 4.97 -1.88
N PHE A 40 3.10 4.27 -0.84
CA PHE A 40 3.92 3.58 0.13
C PHE A 40 3.45 2.10 0.13
N GLU A 41 4.38 1.14 -0.06
CA GLU A 41 4.00 -0.27 -0.10
C GLU A 41 3.87 -0.80 1.36
N ASN A 42 5.00 -1.04 2.02
CA ASN A 42 5.11 -1.39 3.44
C ASN A 42 6.58 -1.21 3.87
N TYR A 43 6.85 -1.39 5.15
CA TYR A 43 8.21 -1.24 5.67
C TYR A 43 8.24 -1.90 7.03
N VAL A 44 9.37 -2.42 7.43
CA VAL A 44 9.54 -2.99 8.77
C VAL A 44 10.72 -2.24 9.39
N ALA A 45 10.40 -1.33 10.33
CA ALA A 45 11.39 -0.48 10.98
C ALA A 45 12.01 -1.17 12.18
N ASP A 46 13.34 -1.06 12.35
CA ASP A 46 14.00 -1.60 13.54
C ASP A 46 14.05 -0.44 14.51
N ILE A 47 13.31 -0.53 15.63
CA ILE A 47 13.23 0.56 16.60
CA ILE A 47 13.28 0.56 16.59
C ILE A 47 13.64 0.09 17.99
N GLU A 48 14.42 0.90 18.71
CA GLU A 48 14.76 0.58 20.09
CA GLU A 48 14.78 0.59 20.08
C GLU A 48 14.19 1.70 20.94
N VAL A 49 13.18 1.38 21.75
CA VAL A 49 12.56 2.41 22.57
C VAL A 49 12.59 1.98 24.05
N ASP A 50 13.15 2.85 24.91
CA ASP A 50 13.25 2.59 26.34
C ASP A 50 13.91 1.22 26.66
N GLY A 51 14.96 0.87 25.91
CA GLY A 51 15.68 -0.37 26.10
C GLY A 51 15.07 -1.61 25.46
N LYS A 52 13.93 -1.49 24.77
CA LYS A 52 13.30 -2.65 24.13
C LYS A 52 13.41 -2.61 22.60
N GLN A 53 13.83 -3.74 21.98
CA GLN A 53 13.96 -3.79 20.52
CA GLN A 53 13.98 -3.80 20.53
C GLN A 53 12.68 -4.32 19.91
N VAL A 54 12.14 -3.59 18.92
CA VAL A 54 10.90 -3.99 18.24
C VAL A 54 11.07 -3.90 16.72
N GLU A 55 10.47 -4.85 15.96
CA GLU A 55 10.35 -4.76 14.52
C GLU A 55 8.93 -4.21 14.32
N LEU A 56 8.79 -2.98 13.82
CA LEU A 56 7.47 -2.37 13.66
C LEU A 56 7.08 -2.31 12.19
N ALA A 57 6.13 -3.17 11.78
CA ALA A 57 5.62 -3.19 10.41
C ALA A 57 4.70 -1.97 10.21
N LEU A 58 4.94 -1.20 9.15
CA LEU A 58 4.18 0.04 8.87
C LEU A 58 3.28 -0.12 7.67
N TRP A 59 2.01 0.29 7.79
CA TRP A 59 1.04 0.16 6.72
C TRP A 59 0.24 1.46 6.54
N ASP A 60 -0.10 1.79 5.29
CA ASP A 60 -0.88 2.96 4.89
C ASP A 60 -2.29 2.49 4.44
N THR A 61 -3.32 3.32 4.65
CA THR A 61 -4.67 3.06 4.13
C THR A 61 -4.98 3.99 2.92
N ALA A 62 -3.98 4.74 2.40
CA ALA A 62 -4.20 5.64 1.27
C ALA A 62 -4.74 4.88 0.05
N GLY A 63 -5.75 5.45 -0.59
CA GLY A 63 -6.43 4.84 -1.73
C GLY A 63 -7.64 3.99 -1.32
N GLN A 64 -7.73 3.62 -0.02
CA GLN A 64 -8.85 2.80 0.47
C GLN A 64 -10.04 3.60 1.05
N GLU A 65 -9.91 4.90 1.14
CA GLU A 65 -10.93 5.75 1.77
C GLU A 65 -12.36 5.62 1.18
N ASP A 66 -12.50 5.34 -0.12
CA ASP A 66 -13.86 5.21 -0.73
C ASP A 66 -14.38 3.76 -0.78
N TYR A 67 -13.61 2.77 -0.28
CA TYR A 67 -13.94 1.36 -0.43
C TYR A 67 -14.12 0.71 0.93
N ASP A 68 -15.36 0.69 1.44
CA ASP A 68 -15.70 0.25 2.79
C ASP A 68 -15.54 -1.25 3.04
N ARG A 69 -15.45 -2.07 2.00
CA ARG A 69 -15.21 -3.50 2.19
C ARG A 69 -13.74 -3.86 1.99
N LEU A 70 -12.98 -3.06 1.21
CA LEU A 70 -11.56 -3.34 1.03
C LEU A 70 -10.78 -2.79 2.22
N ARG A 71 -11.09 -1.55 2.65
CA ARG A 71 -10.34 -0.85 3.69
C ARG A 71 -10.14 -1.65 5.00
N PRO A 72 -11.17 -2.31 5.55
CA PRO A 72 -11.00 -3.03 6.83
C PRO A 72 -10.02 -4.19 6.80
N LEU A 73 -9.71 -4.69 5.58
CA LEU A 73 -8.71 -5.75 5.40
C LEU A 73 -7.30 -5.30 5.83
N SER A 74 -7.08 -3.99 5.99
CA SER A 74 -5.81 -3.48 6.49
C SER A 74 -5.69 -3.63 8.03
N TYR A 75 -6.83 -3.80 8.78
CA TYR A 75 -6.82 -3.80 10.25
C TYR A 75 -6.44 -5.09 11.00
N PRO A 76 -6.62 -6.33 10.50
CA PRO A 76 -6.29 -7.51 11.33
C PRO A 76 -4.94 -7.48 12.06
N ASP A 77 -4.99 -7.78 13.36
CA ASP A 77 -3.83 -7.84 14.25
C ASP A 77 -3.02 -6.56 14.35
N THR A 78 -3.67 -5.38 14.17
CA THR A 78 -2.97 -4.12 14.35
C THR A 78 -2.68 -3.95 15.88
N ASP A 79 -1.46 -3.49 16.25
CA ASP A 79 -1.07 -3.24 17.63
C ASP A 79 -1.15 -1.74 18.01
N VAL A 80 -1.09 -0.83 17.02
CA VAL A 80 -1.17 0.60 17.29
C VAL A 80 -1.74 1.33 16.08
N ILE A 81 -2.66 2.28 16.31
CA ILE A 81 -3.23 3.08 15.24
C ILE A 81 -2.69 4.50 15.30
N LEU A 82 -2.24 5.04 14.17
CA LEU A 82 -1.94 6.47 14.08
C LEU A 82 -3.17 7.08 13.34
N MET A 83 -3.90 7.98 13.99
CA MET A 83 -5.07 8.61 13.38
CA MET A 83 -5.08 8.62 13.43
C MET A 83 -4.65 10.02 13.03
N CYS A 84 -4.51 10.28 11.74
CA CYS A 84 -3.97 11.51 11.25
CA CYS A 84 -3.98 11.54 11.25
C CYS A 84 -5.00 12.54 10.76
N PHE A 85 -4.66 13.82 10.93
CA PHE A 85 -5.40 14.97 10.39
C PHE A 85 -4.32 15.99 9.98
N SER A 86 -4.67 16.91 9.09
CA SER A 86 -3.75 17.94 8.69
C SER A 86 -4.09 19.25 9.45
N ILE A 87 -3.08 19.90 10.05
CA ILE A 87 -3.25 21.16 10.77
C ILE A 87 -3.73 22.29 9.84
N ASP A 88 -3.42 22.21 8.51
CA ASP A 88 -3.94 23.17 7.53
C ASP A 88 -5.38 22.86 7.05
N SER A 89 -6.03 21.86 7.66
CA SER A 89 -7.35 21.43 7.25
C SER A 89 -8.27 21.15 8.42
N PRO A 90 -8.94 22.18 8.98
CA PRO A 90 -9.87 21.92 10.09
C PRO A 90 -10.97 20.90 9.74
N ASP A 91 -11.29 20.72 8.43
CA ASP A 91 -12.27 19.73 7.96
C ASP A 91 -11.75 18.29 8.18
N SER A 92 -10.44 18.06 8.02
CA SER A 92 -9.88 16.74 8.31
C SER A 92 -10.01 16.38 9.81
N LEU A 93 -10.03 17.40 10.71
CA LEU A 93 -10.17 17.17 12.14
C LEU A 93 -11.63 16.84 12.51
N GLU A 94 -12.59 17.50 11.85
CA GLU A 94 -14.02 17.27 12.04
C GLU A 94 -14.44 15.81 11.64
N ASN A 95 -13.79 15.21 10.65
CA ASN A 95 -14.09 13.84 10.23
C ASN A 95 -13.56 12.75 11.20
N ILE A 96 -12.70 13.13 12.15
CA ILE A 96 -12.15 12.20 13.12
C ILE A 96 -13.19 11.55 14.05
N PRO A 97 -14.01 12.31 14.84
CA PRO A 97 -14.84 11.65 15.85
C PRO A 97 -15.98 10.74 15.38
N GLU A 98 -16.64 11.05 14.27
CA GLU A 98 -17.79 10.23 13.89
C GLU A 98 -17.65 9.51 12.56
N LYS A 99 -16.44 9.48 11.97
CA LYS A 99 -16.18 8.68 10.78
C LYS A 99 -15.05 7.68 11.08
N TRP A 100 -13.82 8.17 11.31
CA TRP A 100 -12.69 7.31 11.56
C TRP A 100 -12.67 6.62 12.92
N THR A 101 -13.06 7.35 13.98
CA THR A 101 -13.03 6.78 15.33
C THR A 101 -13.99 5.58 15.50
N PRO A 102 -15.28 5.65 15.09
CA PRO A 102 -16.15 4.47 15.25
C PRO A 102 -15.65 3.26 14.47
N GLU A 103 -15.05 3.51 13.26
CA GLU A 103 -14.53 2.42 12.43
C GLU A 103 -13.35 1.72 13.13
N VAL A 104 -12.40 2.49 13.65
CA VAL A 104 -11.22 1.93 14.30
C VAL A 104 -11.60 1.22 15.59
N LYS A 105 -12.57 1.76 16.34
CA LYS A 105 -13.00 1.11 17.58
C LYS A 105 -13.72 -0.21 17.31
N HIS A 106 -14.41 -0.31 16.17
CA HIS A 106 -15.14 -1.52 15.80
C HIS A 106 -14.18 -2.63 15.38
N PHE A 107 -13.22 -2.33 14.46
CA PHE A 107 -12.30 -3.33 13.90
C PHE A 107 -11.05 -3.58 14.75
N CYS A 108 -10.66 -2.62 15.59
CA CYS A 108 -9.46 -2.73 16.43
C CYS A 108 -9.83 -2.43 17.89
N PRO A 109 -10.71 -3.23 18.51
CA PRO A 109 -11.08 -2.94 19.91
C PRO A 109 -9.87 -3.03 20.82
N ASN A 110 -9.77 -2.10 21.76
CA ASN A 110 -8.69 -2.09 22.74
C ASN A 110 -7.29 -1.77 22.15
N VAL A 111 -7.23 -1.31 20.87
CA VAL A 111 -5.96 -0.95 20.27
C VAL A 111 -5.71 0.53 20.56
N PRO A 112 -4.53 0.91 21.09
CA PRO A 112 -4.27 2.34 21.34
C PRO A 112 -4.26 3.17 20.06
N ILE A 113 -4.87 4.35 20.14
CA ILE A 113 -4.92 5.31 19.04
C ILE A 113 -4.10 6.53 19.43
N ILE A 114 -3.18 6.96 18.58
CA ILE A 114 -2.46 8.21 18.81
C ILE A 114 -3.00 9.19 17.74
N LEU A 115 -3.58 10.31 18.17
CA LEU A 115 -4.08 11.32 17.24
C LEU A 115 -2.87 12.18 16.88
N VAL A 116 -2.59 12.29 15.57
CA VAL A 116 -1.43 13.03 15.09
C VAL A 116 -1.84 14.19 14.20
N GLY A 117 -1.41 15.39 14.56
CA GLY A 117 -1.64 16.57 13.76
C GLY A 117 -0.44 16.74 12.86
N ASN A 118 -0.61 16.50 11.54
CA ASN A 118 0.44 16.58 10.54
CA ASN A 118 0.51 16.61 10.61
C ASN A 118 0.57 18.02 9.99
N LYS A 119 1.69 18.31 9.25
CA LYS A 119 1.92 19.58 8.59
C LYS A 119 1.88 20.76 9.56
N LYS A 120 2.46 20.58 10.75
CA LYS A 120 2.46 21.65 11.76
C LYS A 120 3.19 22.92 11.31
N ASP A 121 4.09 22.78 10.31
CA ASP A 121 4.85 23.87 9.70
C ASP A 121 3.91 24.91 9.05
N LEU A 122 2.72 24.48 8.61
CA LEU A 122 1.76 25.37 7.94
C LEU A 122 0.93 26.25 8.90
N ARG A 123 1.06 26.03 10.22
CA ARG A 123 0.35 26.82 11.22
C ARG A 123 0.78 28.32 11.18
N ASN A 124 2.03 28.59 10.73
CA ASN A 124 2.59 29.93 10.59
C ASN A 124 2.94 30.24 9.11
N ASP A 125 2.16 29.68 8.18
CA ASP A 125 2.35 29.89 6.75
C ASP A 125 1.31 30.91 6.31
N GLU A 126 1.75 32.06 5.75
CA GLU A 126 0.81 33.10 5.37
C GLU A 126 -0.11 32.70 4.22
N HIS A 127 0.38 31.92 3.24
CA HIS A 127 -0.50 31.45 2.16
C HIS A 127 -1.62 30.57 2.71
N THR A 128 -1.28 29.66 3.65
CA THR A 128 -2.26 28.80 4.31
C THR A 128 -3.26 29.64 5.08
N ARG A 129 -2.79 30.63 5.85
CA ARG A 129 -3.70 31.47 6.63
C ARG A 129 -4.63 32.32 5.78
N ARG A 130 -4.17 32.82 4.62
CA ARG A 130 -5.02 33.62 3.73
C ARG A 130 -6.10 32.74 3.11
N GLU A 131 -5.72 31.58 2.55
CA GLU A 131 -6.66 30.65 1.93
C GLU A 131 -7.77 30.17 2.86
N LEU A 132 -7.40 29.79 4.10
CA LEU A 132 -8.38 29.32 5.08
C LEU A 132 -9.31 30.46 5.53
N ALA A 133 -8.79 31.69 5.65
CA ALA A 133 -9.60 32.87 6.04
C ALA A 133 -10.72 33.20 5.05
N LYS A 134 -10.61 32.76 3.79
CA LYS A 134 -11.67 32.99 2.80
C LYS A 134 -12.91 32.12 3.14
N MET A 135 -12.71 30.94 3.77
CA MET A 135 -13.80 30.06 4.18
C MET A 135 -14.11 30.20 5.68
N LYS A 136 -13.77 31.35 6.31
CA LYS A 136 -13.99 31.64 7.73
C LYS A 136 -13.32 30.60 8.62
N GLN A 137 -12.09 30.20 8.26
CA GLN A 137 -11.33 29.19 8.99
C GLN A 137 -9.92 29.66 9.38
N GLU A 138 -9.23 28.87 10.21
CA GLU A 138 -7.87 29.12 10.63
C GLU A 138 -7.17 27.78 10.89
N PRO A 139 -5.82 27.72 10.84
CA PRO A 139 -5.15 26.43 11.10
C PRO A 139 -5.54 25.89 12.49
N VAL A 140 -5.61 24.55 12.62
CA VAL A 140 -5.98 23.90 13.87
C VAL A 140 -5.03 24.33 14.99
N LYS A 141 -5.58 24.77 16.10
CA LYS A 141 -4.82 25.21 17.26
C LYS A 141 -4.37 23.98 18.10
N PRO A 142 -3.24 24.08 18.82
CA PRO A 142 -2.82 22.95 19.68
C PRO A 142 -3.92 22.43 20.63
N GLU A 143 -4.66 23.33 21.29
CA GLU A 143 -5.73 22.94 22.20
C GLU A 143 -6.89 22.26 21.51
N GLU A 144 -7.15 22.57 20.23
CA GLU A 144 -8.22 21.89 19.49
C GLU A 144 -7.83 20.43 19.21
N GLY A 145 -6.56 20.21 18.87
CA GLY A 145 -6.03 18.87 18.67
C GLY A 145 -6.09 18.05 19.94
N ARG A 146 -5.60 18.62 21.07
CA ARG A 146 -5.61 17.92 22.37
C ARG A 146 -7.04 17.59 22.80
N ASP A 147 -7.98 18.55 22.67
CA ASP A 147 -9.38 18.30 23.04
C ASP A 147 -10.02 17.18 22.24
N MET A 148 -9.71 17.11 20.93
CA MET A 148 -10.28 16.05 20.09
C MET A 148 -9.71 14.69 20.53
N ALA A 149 -8.40 14.65 20.80
CA ALA A 149 -7.76 13.42 21.27
C ALA A 149 -8.36 12.94 22.60
N ASN A 150 -8.65 13.88 23.50
CA ASN A 150 -9.24 13.61 24.80
C ASN A 150 -10.65 13.05 24.60
N ARG A 151 -11.46 13.74 23.77
CA ARG A 151 -12.83 13.35 23.44
C ARG A 151 -12.95 11.91 22.86
N ILE A 152 -12.06 11.53 21.94
CA ILE A 152 -12.13 10.22 21.28
C ILE A 152 -11.47 9.07 22.06
N GLY A 153 -10.92 9.34 23.23
CA GLY A 153 -10.27 8.29 24.03
C GLY A 153 -8.93 7.87 23.47
N ALA A 154 -8.22 8.81 22.82
CA ALA A 154 -6.88 8.53 22.29
C ALA A 154 -5.89 8.30 23.46
N PHE A 155 -4.93 7.41 23.23
CA PHE A 155 -3.79 7.14 24.10
C PHE A 155 -3.01 8.46 24.32
N GLY A 156 -2.89 9.27 23.26
CA GLY A 156 -2.20 10.55 23.36
C GLY A 156 -2.37 11.40 22.11
N TYR A 157 -1.84 12.63 22.18
CA TYR A 157 -1.88 13.61 21.10
C TYR A 157 -0.46 14.05 20.76
N MET A 158 -0.13 14.10 19.47
CA MET A 158 1.21 14.50 19.03
C MET A 158 1.12 15.31 17.75
N GLU A 159 2.14 16.13 17.47
CA GLU A 159 2.19 16.92 16.24
C GLU A 159 3.53 16.66 15.54
N CYS A 160 3.56 16.83 14.22
CA CYS A 160 4.79 16.63 13.46
C CYS A 160 4.72 17.37 12.14
N SER A 161 5.88 17.47 11.45
CA SER A 161 5.97 18.04 10.12
C SER A 161 6.82 17.08 9.27
N ALA A 162 6.23 16.39 8.29
CA ALA A 162 7.01 15.52 7.41
C ALA A 162 8.02 16.37 6.60
N LYS A 163 7.64 17.60 6.22
CA LYS A 163 8.46 18.53 5.44
C LYS A 163 9.83 18.80 6.08
N THR A 164 9.86 19.15 7.37
CA THR A 164 11.10 19.44 8.09
C THR A 164 11.62 18.30 8.96
N LYS A 165 10.82 17.21 9.11
CA LYS A 165 11.08 16.03 9.95
C LYS A 165 10.87 16.28 11.46
N ASP A 166 10.55 17.52 11.90
CA ASP A 166 10.36 17.76 13.34
C ASP A 166 9.21 16.94 13.91
N GLY A 167 9.50 16.20 14.98
CA GLY A 167 8.48 15.41 15.65
C GLY A 167 8.22 14.03 15.09
N VAL A 168 8.79 13.73 13.91
CA VAL A 168 8.55 12.46 13.23
C VAL A 168 9.09 11.27 14.00
N ARG A 169 10.38 11.30 14.41
CA ARG A 169 10.93 10.19 15.17
C ARG A 169 10.15 9.95 16.49
N GLU A 170 9.77 11.05 17.17
CA GLU A 170 9.04 10.98 18.44
C GLU A 170 7.69 10.25 18.29
N VAL A 171 6.96 10.52 17.19
CA VAL A 171 5.67 9.88 16.91
C VAL A 171 5.85 8.35 16.83
N PHE A 172 6.83 7.88 16.04
CA PHE A 172 7.03 6.44 15.85
C PHE A 172 7.61 5.77 17.11
N GLU A 173 8.43 6.48 17.90
CA GLU A 173 8.95 5.90 19.15
C GLU A 173 7.78 5.74 20.13
N MET A 174 6.90 6.74 20.22
CA MET A 174 5.74 6.67 21.11
C MET A 174 4.78 5.56 20.63
N ALA A 175 4.54 5.45 19.32
CA ALA A 175 3.69 4.39 18.75
C ALA A 175 4.23 3.00 19.15
N THR A 176 5.55 2.83 19.19
CA THR A 176 6.18 1.58 19.57
C THR A 176 5.90 1.28 21.04
N ARG A 177 6.06 2.30 21.90
CA ARG A 177 5.73 2.18 23.31
C ARG A 177 4.25 1.79 23.50
N ALA A 178 3.32 2.44 22.76
CA ALA A 178 1.90 2.12 22.90
C ALA A 178 1.62 0.68 22.49
N ALA A 179 2.24 0.21 21.37
CA ALA A 179 2.09 -1.16 20.87
C ALA A 179 2.61 -2.20 21.88
N LEU A 180 3.59 -1.82 22.72
CA LEU A 180 4.17 -2.71 23.73
C LEU A 180 3.31 -2.88 24.98
N GLN A 181 2.47 -1.87 25.32
CA GLN A 181 1.65 -1.91 26.54
C GLN A 181 0.58 -2.98 26.48
N ALA A 182 0.48 -3.83 27.53
CA ALA A 182 -0.52 -4.90 27.55
C ALA A 182 -1.84 -4.43 28.17
N SER B 1 12.34 -11.36 -9.12
CA SER B 1 12.66 -10.44 -10.21
CA SER B 1 12.64 -10.47 -10.23
C SER B 1 13.97 -10.85 -10.89
N MET B 2 14.16 -10.45 -12.14
CA MET B 2 15.38 -10.74 -12.87
C MET B 2 16.31 -9.54 -12.84
N GLU B 3 17.63 -9.78 -12.80
CA GLU B 3 18.66 -8.77 -12.62
C GLU B 3 18.54 -7.56 -13.59
N MET B 4 18.22 -7.85 -14.86
CA MET B 4 18.08 -6.79 -15.87
CA MET B 4 18.03 -6.84 -15.92
C MET B 4 17.00 -5.79 -15.46
N ASP B 5 15.83 -6.25 -15.03
CA ASP B 5 14.76 -5.35 -14.62
C ASP B 5 15.03 -4.67 -13.29
N GLU B 6 15.67 -5.37 -12.35
CA GLU B 6 16.02 -4.79 -11.05
C GLU B 6 16.96 -3.61 -11.25
N LYS B 7 17.98 -3.78 -12.08
CA LYS B 7 18.93 -2.71 -12.34
C LYS B 7 18.25 -1.53 -13.05
N ASP B 8 17.38 -1.81 -14.03
CA ASP B 8 16.66 -0.74 -14.74
C ASP B 8 15.77 0.07 -13.80
N PHE B 9 15.30 -0.55 -12.69
CA PHE B 9 14.43 0.10 -11.73
C PHE B 9 15.08 0.27 -10.32
N ALA B 10 16.42 0.29 -10.24
CA ALA B 10 17.12 0.42 -8.96
C ALA B 10 17.11 1.89 -8.42
N ALA B 11 17.12 2.89 -9.32
CA ALA B 11 17.13 4.30 -8.90
C ALA B 11 15.80 4.70 -8.23
N ASP B 12 15.86 5.71 -7.35
CA ASP B 12 14.68 6.22 -6.66
C ASP B 12 13.72 6.99 -7.58
N SER B 13 14.17 7.38 -8.80
CA SER B 13 13.33 8.11 -9.74
C SER B 13 13.79 7.94 -11.20
N TRP B 14 12.94 8.36 -12.16
CA TRP B 14 13.33 8.36 -13.58
C TRP B 14 14.51 9.33 -13.78
N SER B 15 14.47 10.52 -13.09
CA SER B 15 15.54 11.52 -13.23
CA SER B 15 15.53 11.52 -13.20
C SER B 15 16.90 10.98 -12.80
N LEU B 16 16.94 10.01 -11.88
CA LEU B 16 18.20 9.41 -11.44
C LEU B 16 18.54 8.13 -12.24
N ALA B 17 17.55 7.49 -12.89
CA ALA B 17 17.75 6.28 -13.71
C ALA B 17 18.44 6.61 -15.05
N VAL B 18 18.00 7.68 -15.71
CA VAL B 18 18.56 8.07 -17.00
C VAL B 18 19.91 8.79 -16.87
N ASP B 19 20.70 8.87 -17.96
CA ASP B 19 21.99 9.58 -17.92
C ASP B 19 21.69 11.07 -17.69
N SER B 20 22.54 11.79 -16.93
CA SER B 20 22.30 13.22 -16.68
C SER B 20 22.34 14.06 -17.96
N SER B 21 23.13 13.65 -18.98
CA SER B 21 23.14 14.37 -20.27
C SER B 21 21.82 14.16 -21.04
N PHE B 22 21.07 13.08 -20.77
CA PHE B 22 19.78 12.85 -21.40
C PHE B 22 18.70 13.64 -20.63
N LEU B 23 18.75 13.61 -19.30
CA LEU B 23 17.81 14.36 -18.44
C LEU B 23 17.79 15.86 -18.82
N GLN B 24 18.98 16.45 -19.02
CA GLN B 24 19.14 17.86 -19.36
C GLN B 24 18.47 18.27 -20.68
N GLN B 25 18.19 17.31 -21.55
CA GLN B 25 17.52 17.59 -22.82
C GLN B 25 16.00 17.73 -22.71
N HIS B 26 15.41 17.46 -21.54
CA HIS B 26 13.95 17.53 -21.39
C HIS B 26 13.44 18.66 -20.51
N LYS B 27 12.22 19.10 -20.79
CA LYS B 27 11.55 20.08 -19.96
C LYS B 27 11.18 19.46 -18.61
N LYS B 28 11.06 20.30 -17.58
CA LYS B 28 10.74 19.86 -16.24
C LYS B 28 9.40 19.09 -16.21
N GLU B 29 8.40 19.54 -17.01
CA GLU B 29 7.10 18.87 -17.00
C GLU B 29 7.16 17.42 -17.50
N VAL B 30 8.04 17.17 -18.49
CA VAL B 30 8.26 15.82 -19.02
C VAL B 30 8.97 14.98 -17.95
N MET B 31 9.98 15.53 -17.29
CA MET B 31 10.64 14.83 -16.18
C MET B 31 9.63 14.43 -15.06
N LYS B 32 8.70 15.33 -14.67
CA LYS B 32 7.73 15.03 -13.61
C LYS B 32 6.80 13.89 -14.08
N GLN B 33 6.29 13.98 -15.33
CA GLN B 33 5.46 12.90 -15.89
C GLN B 33 6.24 11.54 -15.88
N GLN B 34 7.51 11.54 -16.35
CA GLN B 34 8.28 10.30 -16.41
C GLN B 34 8.62 9.73 -15.01
N ASP B 35 8.84 10.59 -14.01
CA ASP B 35 9.11 10.11 -12.65
C ASP B 35 7.89 9.27 -12.12
N VAL B 36 6.65 9.72 -12.42
CA VAL B 36 5.46 9.01 -11.92
C VAL B 36 5.19 7.72 -12.70
N ILE B 37 5.44 7.74 -14.03
CA ILE B 37 5.29 6.52 -14.85
C ILE B 37 6.33 5.49 -14.38
N TYR B 38 7.55 5.94 -14.10
CA TYR B 38 8.62 5.06 -13.61
C TYR B 38 8.18 4.43 -12.24
N GLU B 39 7.54 5.22 -11.37
CA GLU B 39 7.08 4.68 -10.07
C GLU B 39 5.99 3.60 -10.30
N LEU B 40 5.06 3.82 -11.24
CA LEU B 40 4.02 2.82 -11.53
C LEU B 40 4.70 1.47 -11.98
N ILE B 41 5.65 1.54 -12.92
CA ILE B 41 6.30 0.32 -13.43
C ILE B 41 7.13 -0.32 -12.32
N GLN B 42 7.92 0.48 -11.61
CA GLN B 42 8.74 -0.03 -10.50
C GLN B 42 7.88 -0.76 -9.44
N THR B 43 6.73 -0.15 -9.02
CA THR B 43 5.85 -0.80 -8.02
C THR B 43 5.15 -2.05 -8.62
N GLU B 44 4.93 -2.07 -9.95
CA GLU B 44 4.35 -3.25 -10.59
C GLU B 44 5.36 -4.39 -10.60
N LEU B 45 6.64 -4.08 -10.92
CA LEU B 45 7.74 -5.08 -10.86
C LEU B 45 7.81 -5.68 -9.41
N HIS B 46 7.70 -4.83 -8.39
CA HIS B 46 7.73 -5.30 -6.99
C HIS B 46 6.51 -6.17 -6.65
N HIS B 47 5.33 -5.79 -7.14
CA HIS B 47 4.08 -6.51 -6.89
C HIS B 47 4.16 -7.92 -7.55
N VAL B 48 4.71 -8.00 -8.78
CA VAL B 48 4.86 -9.31 -9.45
C VAL B 48 5.87 -10.17 -8.63
N ARG B 49 6.91 -9.53 -8.10
CA ARG B 49 7.89 -10.18 -7.23
C ARG B 49 7.21 -10.75 -5.93
N THR B 50 6.29 -9.98 -5.30
CA THR B 50 5.54 -10.44 -4.11
C THR B 50 4.75 -11.70 -4.48
N LEU B 51 4.11 -11.71 -5.67
CA LEU B 51 3.35 -12.88 -6.12
C LEU B 51 4.29 -14.10 -6.36
N LYS B 52 5.50 -13.86 -6.89
CA LYS B 52 6.49 -14.95 -7.09
C LYS B 52 6.97 -15.52 -5.73
N ILE B 53 7.14 -14.69 -4.69
CA ILE B 53 7.51 -15.19 -3.35
C ILE B 53 6.37 -16.12 -2.85
N MET B 54 5.14 -15.68 -3.01
CA MET B 54 3.96 -16.47 -2.60
C MET B 54 3.86 -17.79 -3.35
N THR B 55 4.00 -17.79 -4.69
CA THR B 55 3.87 -19.04 -5.46
C THR B 55 5.09 -19.94 -5.32
N ARG B 56 6.30 -19.40 -5.56
CA ARG B 56 7.52 -20.20 -5.61
C ARG B 56 8.19 -20.47 -4.28
N LEU B 57 8.26 -19.46 -3.39
CA LEU B 57 8.94 -19.68 -2.12
C LEU B 57 8.02 -20.37 -1.11
N PHE B 58 6.85 -19.77 -0.84
CA PHE B 58 5.93 -20.32 0.16
C PHE B 58 5.11 -21.53 -0.31
N ARG B 59 4.24 -21.34 -1.31
CA ARG B 59 3.34 -22.39 -1.79
C ARG B 59 4.08 -23.67 -2.20
N THR B 60 5.06 -23.54 -3.10
CA THR B 60 5.82 -24.70 -3.60
C THR B 60 6.64 -25.33 -2.50
N GLY B 61 7.24 -24.51 -1.64
CA GLY B 61 8.03 -25.04 -0.53
C GLY B 61 7.20 -25.88 0.42
N MET B 62 5.95 -25.44 0.72
CA MET B 62 5.04 -26.19 1.59
C MET B 62 4.64 -27.50 0.93
N LEU B 63 4.33 -27.48 -0.37
CA LEU B 63 3.96 -28.73 -1.08
C LEU B 63 5.12 -29.73 -1.13
N GLU B 64 6.36 -29.25 -1.35
CA GLU B 64 7.49 -30.17 -1.51
C GLU B 64 8.23 -30.58 -0.22
N GLU B 65 8.11 -29.78 0.87
N GLU B 65 8.38 -29.68 0.75
CA GLU B 65 8.75 -30.06 2.18
CA GLU B 65 9.15 -29.98 1.95
C GLU B 65 7.79 -30.49 3.30
C GLU B 65 8.30 -30.49 3.10
N LEU B 66 6.51 -30.05 3.27
N LEU B 66 7.12 -29.89 3.29
CA LEU B 66 5.59 -30.34 4.37
CA LEU B 66 6.21 -30.30 4.35
C LEU B 66 4.50 -31.36 4.04
C LEU B 66 5.20 -31.35 3.91
N HIS B 67 3.90 -31.98 5.09
N HIS B 67 4.96 -31.47 2.58
CA HIS B 67 2.83 -32.95 4.95
CA HIS B 67 3.97 -32.36 1.99
C HIS B 67 1.52 -32.30 5.41
C HIS B 67 2.58 -32.07 2.56
N LEU B 68 1.10 -31.22 4.73
N LEU B 68 2.26 -30.78 2.76
CA LEU B 68 -0.15 -30.54 5.10
CA LEU B 68 0.96 -30.37 3.29
C LEU B 68 -1.36 -31.28 4.55
C LEU B 68 -0.13 -30.64 2.24
N GLU B 69 -2.53 -31.08 5.17
N GLU B 69 -1.35 -30.93 2.70
CA GLU B 69 -3.76 -31.72 4.70
CA GLU B 69 -2.49 -31.20 1.83
C GLU B 69 -4.18 -31.12 3.34
C GLU B 69 -2.75 -30.02 0.89
N PRO B 70 -4.80 -31.90 2.44
N PRO B 70 -2.84 -30.28 -0.43
CA PRO B 70 -5.21 -31.34 1.14
CA PRO B 70 -3.04 -29.18 -1.38
C PRO B 70 -6.16 -30.16 1.28
C PRO B 70 -4.18 -28.22 -1.06
N GLY B 71 -5.97 -29.13 0.46
N GLY B 71 -5.25 -28.72 -0.44
CA GLY B 71 -6.77 -27.91 0.52
CA GLY B 71 -6.39 -27.90 -0.06
C GLY B 71 -6.25 -26.87 1.51
C GLY B 71 -6.05 -26.91 1.04
N VAL B 72 -5.24 -27.21 2.31
N VAL B 72 -5.18 -27.32 1.98
CA VAL B 72 -4.65 -26.27 3.26
CA VAL B 72 -4.72 -26.43 3.06
C VAL B 72 -3.78 -25.23 2.52
C VAL B 72 -3.87 -25.31 2.45
N VAL B 73 -2.95 -25.67 1.56
CA VAL B 73 -2.10 -24.73 0.83
C VAL B 73 -2.94 -23.75 -0.02
N GLN B 74 -4.03 -24.25 -0.66
CA GLN B 74 -4.94 -23.41 -1.44
CA GLN B 74 -4.95 -23.42 -1.44
C GLN B 74 -5.62 -22.36 -0.54
N GLY B 75 -5.96 -22.74 0.68
CA GLY B 75 -6.58 -21.85 1.65
C GLY B 75 -5.64 -20.73 2.11
N LEU B 76 -4.33 -21.00 2.18
CA LEU B 76 -3.34 -20.00 2.58
C LEU B 76 -3.07 -19.03 1.41
N PHE B 77 -3.04 -19.54 0.16
CA PHE B 77 -2.70 -18.74 -1.02
C PHE B 77 -3.80 -18.78 -2.09
N PRO B 78 -5.00 -18.24 -1.80
CA PRO B 78 -6.08 -18.31 -2.80
C PRO B 78 -5.75 -17.49 -4.05
N CYS B 79 -6.05 -18.00 -5.28
CA CYS B 79 -5.94 -17.29 -6.56
C CYS B 79 -4.55 -16.83 -6.95
N VAL B 80 -3.49 -17.27 -6.25
CA VAL B 80 -2.13 -16.78 -6.53
CA VAL B 80 -2.15 -16.76 -6.51
C VAL B 80 -1.68 -17.03 -7.96
N ASP B 81 -2.06 -18.19 -8.56
CA ASP B 81 -1.64 -18.44 -9.97
C ASP B 81 -2.36 -17.48 -10.95
N GLU B 82 -3.66 -17.24 -10.74
CA GLU B 82 -4.43 -16.34 -11.60
CA GLU B 82 -4.40 -16.34 -11.62
C GLU B 82 -3.89 -14.90 -11.45
N LEU B 83 -3.59 -14.48 -10.21
CA LEU B 83 -3.06 -13.14 -9.92
C LEU B 83 -1.69 -12.97 -10.59
N SER B 84 -0.85 -14.01 -10.50
CA SER B 84 0.48 -13.97 -11.11
C SER B 84 0.35 -13.83 -12.63
N ASP B 85 -0.58 -14.55 -13.25
CA ASP B 85 -0.80 -14.47 -14.69
C ASP B 85 -1.25 -13.05 -15.11
N ILE B 86 -2.22 -12.49 -14.40
CA ILE B 86 -2.71 -11.13 -14.73
C ILE B 86 -1.57 -10.08 -14.69
N HIS B 87 -0.84 -10.03 -13.54
CA HIS B 87 0.15 -8.99 -13.31
C HIS B 87 1.42 -9.23 -14.10
N THR B 88 1.84 -10.49 -14.30
CA THR B 88 3.05 -10.76 -15.10
C THR B 88 2.79 -10.30 -16.57
N ARG B 89 1.57 -10.53 -17.09
CA ARG B 89 1.22 -10.05 -18.43
C ARG B 89 1.23 -8.52 -18.50
N PHE B 90 0.63 -7.85 -17.50
CA PHE B 90 0.57 -6.39 -17.45
C PHE B 90 1.99 -5.82 -17.37
N LEU B 91 2.82 -6.42 -16.52
CA LEU B 91 4.21 -6.01 -16.35
C LEU B 91 4.97 -6.15 -17.68
N SER B 92 4.74 -7.25 -18.41
CA SER B 92 5.39 -7.49 -19.69
CA SER B 92 5.39 -7.49 -19.69
C SER B 92 5.06 -6.37 -20.68
N GLN B 93 3.81 -5.93 -20.72
CA GLN B 93 3.41 -4.84 -21.62
C GLN B 93 4.05 -3.48 -21.22
N LEU B 94 4.12 -3.19 -19.91
CA LEU B 94 4.74 -1.94 -19.43
C LEU B 94 6.23 -1.94 -19.78
N LEU B 95 6.94 -3.06 -19.54
CA LEU B 95 8.36 -3.16 -19.81
C LEU B 95 8.65 -3.13 -21.33
N GLU B 96 7.73 -3.67 -22.14
CA GLU B 96 7.93 -3.63 -23.61
C GLU B 96 7.74 -2.19 -24.14
N ARG B 97 6.79 -1.43 -23.55
CA ARG B 97 6.56 -0.04 -23.92
C ARG B 97 7.85 0.78 -23.63
N ARG B 98 8.49 0.53 -22.46
CA ARG B 98 9.73 1.19 -22.05
C ARG B 98 10.85 0.78 -23.03
N ARG B 99 10.98 -0.52 -23.29
CA ARG B 99 12.02 -1.03 -24.17
CA ARG B 99 12.02 -1.04 -24.17
C ARG B 99 11.96 -0.43 -25.58
N GLN B 100 10.75 -0.36 -26.17
CA GLN B 100 10.57 0.22 -27.50
C GLN B 100 10.98 1.71 -27.51
N ALA B 101 10.77 2.42 -26.39
CA ALA B 101 11.09 3.84 -26.29
C ALA B 101 12.59 4.13 -26.06
N LEU B 102 13.44 3.11 -25.82
CA LEU B 102 14.88 3.36 -25.58
C LEU B 102 15.56 4.01 -26.78
N CYS B 103 16.50 4.91 -26.51
CA CYS B 103 17.31 5.48 -27.60
C CYS B 103 18.28 4.41 -28.11
N PRO B 104 18.54 4.33 -29.43
CA PRO B 104 19.61 3.42 -29.91
C PRO B 104 20.94 3.71 -29.21
N GLY B 105 21.62 2.65 -28.81
CA GLY B 105 22.88 2.76 -28.09
C GLY B 105 22.72 2.94 -26.58
N SER B 106 21.47 2.88 -26.07
CA SER B 106 21.23 3.03 -24.64
C SER B 106 20.36 1.92 -24.09
N THR B 107 20.63 1.48 -22.84
CA THR B 107 19.72 0.57 -22.14
C THR B 107 18.97 1.30 -20.99
N ARG B 108 19.09 2.64 -20.89
CA ARG B 108 18.41 3.36 -19.81
C ARG B 108 17.71 4.64 -20.20
N ASN B 109 18.05 5.24 -21.34
CA ASN B 109 17.44 6.51 -21.77
C ASN B 109 16.20 6.31 -22.62
N PHE B 110 15.04 6.66 -22.06
CA PHE B 110 13.74 6.54 -22.74
C PHE B 110 12.74 7.60 -22.20
N VAL B 111 11.70 7.84 -22.97
CA VAL B 111 10.56 8.67 -22.59
C VAL B 111 9.30 7.91 -23.07
N ILE B 112 8.36 7.62 -22.15
CA ILE B 112 7.11 6.96 -22.54
C ILE B 112 6.06 8.09 -22.72
N HIS B 113 5.67 8.34 -23.95
CA HIS B 113 4.68 9.38 -24.25
C HIS B 113 3.23 8.86 -24.28
N ARG B 114 3.02 7.52 -24.47
N ARG B 114 3.09 7.56 -24.53
CA ARG B 114 1.66 6.98 -24.68
CA ARG B 114 1.80 6.93 -24.64
C ARG B 114 1.13 5.86 -23.74
C ARG B 114 1.72 5.79 -23.64
N LEU B 115 1.24 6.07 -22.44
N LEU B 115 1.03 6.05 -22.53
CA LEU B 115 0.77 5.10 -21.45
CA LEU B 115 0.75 5.08 -21.48
C LEU B 115 -0.77 4.88 -21.39
C LEU B 115 -0.78 4.87 -21.38
N GLY B 116 -1.55 5.94 -21.56
CA GLY B 116 -3.00 5.89 -21.49
C GLY B 116 -3.68 4.75 -22.22
N ASP B 117 -3.27 4.50 -23.47
CA ASP B 117 -3.86 3.44 -24.28
CA ASP B 117 -3.84 3.44 -24.28
C ASP B 117 -3.62 2.06 -23.67
N LEU B 118 -2.42 1.84 -23.09
CA LEU B 118 -2.07 0.56 -22.46
C LEU B 118 -2.97 0.37 -21.20
N LEU B 119 -3.15 1.44 -20.41
CA LEU B 119 -4.01 1.36 -19.21
C LEU B 119 -5.48 1.12 -19.56
N ILE B 120 -5.99 1.75 -20.66
CA ILE B 120 -7.38 1.50 -21.08
C ILE B 120 -7.53 0.02 -21.45
N SER B 121 -6.54 -0.53 -22.17
CA SER B 121 -6.58 -1.94 -22.57
CA SER B 121 -6.57 -1.94 -22.56
C SER B 121 -6.59 -2.84 -21.31
N GLN B 122 -5.68 -2.60 -20.35
CA GLN B 122 -5.64 -3.41 -19.14
C GLN B 122 -6.96 -3.38 -18.34
N PHE B 123 -7.55 -2.18 -18.19
CA PHE B 123 -8.73 -1.98 -17.35
C PHE B 123 -10.08 -1.96 -18.11
N SER B 124 -10.15 -2.64 -19.26
CA SER B 124 -11.38 -2.83 -20.04
C SER B 124 -11.41 -4.26 -20.64
N GLY B 125 -12.58 -4.70 -21.12
CA GLY B 125 -12.76 -6.00 -21.73
C GLY B 125 -12.45 -7.20 -20.83
N PRO B 126 -12.13 -8.34 -21.48
CA PRO B 126 -11.84 -9.57 -20.72
C PRO B 126 -10.79 -9.45 -19.63
N SER B 127 -9.72 -8.66 -19.83
CA SER B 127 -8.70 -8.56 -18.79
C SER B 127 -9.31 -7.86 -17.52
N ALA B 128 -10.15 -6.83 -17.69
CA ALA B 128 -10.80 -6.18 -16.51
C ALA B 128 -11.78 -7.15 -15.84
N GLU B 129 -12.54 -7.95 -16.63
CA GLU B 129 -13.47 -8.94 -16.05
C GLU B 129 -12.69 -9.96 -15.22
N GLN B 130 -11.54 -10.41 -15.74
CA GLN B 130 -10.70 -11.37 -15.02
CA GLN B 130 -10.66 -11.35 -15.05
C GLN B 130 -10.12 -10.74 -13.74
N MET B 131 -9.64 -9.47 -13.78
CA MET B 131 -9.14 -8.81 -12.57
C MET B 131 -10.26 -8.67 -11.51
N CYS B 132 -11.45 -8.24 -11.94
CA CYS B 132 -12.60 -8.06 -11.04
C CYS B 132 -12.97 -9.39 -10.37
N LYS B 133 -13.07 -10.45 -11.16
CA LYS B 133 -13.45 -11.76 -10.63
C LYS B 133 -12.38 -12.33 -9.66
N THR B 134 -11.10 -12.19 -10.05
CA THR B 134 -10.01 -12.70 -9.24
C THR B 134 -9.83 -11.92 -7.92
N TYR B 135 -9.89 -10.57 -7.96
CA TYR B 135 -9.77 -9.78 -6.71
C TYR B 135 -10.99 -9.93 -5.81
N SER B 136 -12.20 -10.14 -6.38
CA SER B 136 -13.40 -10.35 -5.55
C SER B 136 -13.23 -11.67 -4.78
N GLU B 137 -12.67 -12.71 -5.44
CA GLU B 137 -12.42 -14.01 -4.82
CA GLU B 137 -12.45 -13.98 -4.76
C GLU B 137 -11.29 -13.87 -3.75
N PHE B 138 -10.14 -13.29 -4.15
CA PHE B 138 -8.98 -13.14 -3.25
C PHE B 138 -9.33 -12.35 -1.98
N CYS B 139 -9.90 -11.16 -2.15
CA CYS B 139 -10.21 -10.30 -1.02
C CYS B 139 -11.30 -10.90 -0.11
N SER B 140 -12.22 -11.72 -0.67
CA SER B 140 -13.21 -12.43 0.17
C SER B 140 -12.59 -13.58 0.99
N ARG B 141 -11.42 -14.07 0.56
CA ARG B 141 -10.72 -15.16 1.23
C ARG B 141 -9.52 -14.71 2.08
N HIS B 142 -9.32 -13.40 2.19
CA HIS B 142 -8.20 -12.77 2.86
C HIS B 142 -8.18 -13.14 4.36
N SER B 143 -9.28 -12.87 5.09
CA SER B 143 -9.33 -13.16 6.52
CA SER B 143 -9.36 -13.15 6.52
C SER B 143 -9.13 -14.63 6.83
N LYS B 144 -9.75 -15.52 6.02
CA LYS B 144 -9.62 -16.96 6.18
C LYS B 144 -8.16 -17.40 6.04
N ALA B 145 -7.44 -16.85 5.04
CA ALA B 145 -6.03 -17.19 4.82
C ALA B 145 -5.19 -16.82 6.07
N LEU B 146 -5.39 -15.60 6.62
CA LEU B 146 -4.64 -15.13 7.79
C LEU B 146 -4.91 -16.03 9.02
N LYS B 147 -6.18 -16.42 9.24
CA LYS B 147 -6.52 -17.28 10.38
C LYS B 147 -5.91 -18.67 10.23
N LEU B 148 -5.93 -19.22 9.01
CA LEU B 148 -5.36 -20.54 8.73
C LEU B 148 -3.85 -20.51 8.98
N TYR B 149 -3.18 -19.42 8.54
CA TYR B 149 -1.75 -19.24 8.78
C TYR B 149 -1.43 -19.27 10.30
N LYS B 150 -2.17 -18.48 11.08
CA LYS B 150 -1.96 -18.37 12.52
C LYS B 150 -2.17 -19.70 13.22
N GLU B 151 -3.17 -20.47 12.80
CA GLU B 151 -3.44 -21.78 13.38
CA GLU B 151 -3.43 -21.78 13.39
C GLU B 151 -2.27 -22.73 13.10
N LEU B 152 -1.81 -22.79 11.86
CA LEU B 152 -0.70 -23.67 11.46
C LEU B 152 0.60 -23.31 12.19
N TYR B 153 0.92 -22.00 12.26
CA TYR B 153 2.15 -21.55 12.94
C TYR B 153 2.09 -21.89 14.44
N ALA B 154 0.93 -21.78 15.09
CA ALA B 154 0.83 -22.07 16.52
C ALA B 154 0.82 -23.56 16.89
N ARG B 155 0.33 -24.42 15.99
CA ARG B 155 0.18 -25.83 16.33
CA ARG B 155 0.12 -25.84 16.25
C ARG B 155 1.14 -26.80 15.62
N ASP B 156 1.82 -26.37 14.53
CA ASP B 156 2.73 -27.26 13.82
C ASP B 156 4.20 -26.82 13.84
N LYS B 157 5.03 -27.59 14.57
CA LYS B 157 6.47 -27.38 14.69
C LYS B 157 7.21 -27.35 13.34
N ARG B 158 6.95 -28.33 12.45
CA ARG B 158 7.59 -28.38 11.13
C ARG B 158 7.18 -27.14 10.27
N PHE B 159 5.96 -26.64 10.45
CA PHE B 159 5.48 -25.46 9.73
C PHE B 159 6.23 -24.20 10.23
N GLN B 160 6.39 -24.09 11.57
CA GLN B 160 7.13 -22.98 12.19
C GLN B 160 8.58 -22.95 11.68
N GLN B 161 9.26 -24.13 11.66
CA GLN B 161 10.65 -24.22 11.20
C GLN B 161 10.77 -23.81 9.74
N PHE B 162 9.81 -24.27 8.91
CA PHE B 162 9.76 -23.92 7.49
C PHE B 162 9.66 -22.40 7.31
N ILE B 163 8.69 -21.76 7.96
CA ILE B 163 8.48 -20.32 7.86
C ILE B 163 9.71 -19.56 8.35
N ARG B 164 10.22 -19.90 9.54
CA ARG B 164 11.38 -19.23 10.10
C ARG B 164 12.60 -19.39 9.18
N LYS B 165 12.73 -20.53 8.51
CA LYS B 165 13.84 -20.80 7.60
C LYS B 165 13.77 -19.93 6.32
N VAL B 166 12.64 -19.96 5.62
CA VAL B 166 12.52 -19.25 4.36
C VAL B 166 12.34 -17.74 4.52
N THR B 167 11.91 -17.26 5.69
CA THR B 167 11.80 -15.81 5.92
C THR B 167 13.01 -15.21 6.65
N ARG B 168 14.03 -16.02 6.96
CA ARG B 168 15.23 -15.56 7.66
C ARG B 168 16.07 -14.49 6.90
N PRO B 169 16.27 -14.63 5.57
CA PRO B 169 17.11 -13.65 4.85
C PRO B 169 16.60 -12.23 4.93
N ALA B 170 17.52 -11.27 5.07
CA ALA B 170 17.15 -9.85 5.17
C ALA B 170 16.29 -9.37 3.97
N VAL B 171 16.49 -9.91 2.75
CA VAL B 171 15.66 -9.47 1.60
C VAL B 171 14.18 -9.85 1.78
N LEU B 172 13.84 -10.79 2.69
CA LEU B 172 12.45 -11.18 2.96
C LEU B 172 11.83 -10.42 4.17
N LYS B 173 12.54 -9.44 4.73
CA LYS B 173 12.09 -8.73 5.92
C LYS B 173 10.64 -8.19 5.86
N ARG B 174 10.20 -7.66 4.71
CA ARG B 174 8.85 -7.11 4.54
C ARG B 174 7.86 -8.13 3.92
N HIS B 175 8.29 -9.39 3.68
CA HIS B 175 7.51 -10.32 2.90
C HIS B 175 7.18 -11.65 3.57
N GLY B 176 6.75 -11.59 4.84
CA GLY B 176 6.19 -12.78 5.48
C GLY B 176 4.84 -13.13 4.84
N VAL B 177 4.27 -14.29 5.18
CA VAL B 177 2.99 -14.74 4.58
C VAL B 177 1.86 -13.68 4.70
N GLN B 178 1.63 -13.18 5.93
CA GLN B 178 0.53 -12.21 6.14
C GLN B 178 0.80 -10.88 5.43
N GLU B 179 2.07 -10.45 5.38
CA GLU B 179 2.50 -9.22 4.72
C GLU B 179 2.27 -9.35 3.21
N CYS B 180 2.58 -10.50 2.61
CA CYS B 180 2.34 -10.70 1.18
C CYS B 180 0.84 -10.58 0.88
N ILE B 181 -0.01 -11.22 1.72
CA ILE B 181 -1.45 -11.18 1.48
C ILE B 181 -1.98 -9.73 1.49
N LEU B 182 -1.54 -8.92 2.49
CA LEU B 182 -2.01 -7.55 2.56
C LEU B 182 -1.42 -6.69 1.44
N LEU B 183 -0.15 -6.95 1.03
CA LEU B 183 0.46 -6.22 -0.09
C LEU B 183 -0.37 -6.43 -1.39
N VAL B 184 -0.87 -7.66 -1.60
CA VAL B 184 -1.66 -7.97 -2.79
C VAL B 184 -3.03 -7.28 -2.71
N THR B 185 -3.70 -7.40 -1.55
CA THR B 185 -4.99 -6.73 -1.35
C THR B 185 -4.89 -5.20 -1.57
N GLN B 186 -3.81 -4.57 -1.05
CA GLN B 186 -3.64 -3.12 -1.19
C GLN B 186 -3.21 -2.66 -2.59
N ARG B 187 -2.70 -3.58 -3.43
CA ARG B 187 -2.19 -3.17 -4.77
C ARG B 187 -3.24 -2.46 -5.64
N ILE B 188 -4.43 -3.05 -5.74
CA ILE B 188 -5.45 -2.49 -6.64
C ILE B 188 -5.85 -1.05 -6.30
N THR B 189 -5.83 -0.67 -5.01
CA THR B 189 -6.20 0.69 -4.63
C THR B 189 -5.03 1.70 -4.81
N LYS B 190 -3.81 1.22 -5.20
CA LYS B 190 -2.72 2.15 -5.52
C LYS B 190 -2.89 2.72 -6.95
N TYR B 191 -3.54 1.98 -7.86
CA TYR B 191 -3.63 2.41 -9.27
C TYR B 191 -4.27 3.82 -9.46
N PRO B 192 -5.41 4.16 -8.82
CA PRO B 192 -5.99 5.51 -9.06
C PRO B 192 -5.05 6.62 -8.60
N LEU B 193 -4.30 6.43 -7.50
CA LEU B 193 -3.38 7.44 -7.00
CA LEU B 193 -3.39 7.47 -7.02
C LEU B 193 -2.27 7.70 -8.03
N LEU B 194 -1.67 6.62 -8.56
CA LEU B 194 -0.59 6.73 -9.53
C LEU B 194 -1.11 7.34 -10.84
N ILE B 195 -2.24 6.84 -11.35
CA ILE B 195 -2.81 7.32 -12.59
C ILE B 195 -3.20 8.79 -12.50
N SER B 196 -3.81 9.24 -11.37
CA SER B 196 -4.20 10.63 -11.22
CA SER B 196 -4.19 10.64 -11.26
CA SER B 196 -4.19 10.64 -11.21
C SER B 196 -2.98 11.56 -11.26
N ARG B 197 -1.86 11.14 -10.62
CA ARG B 197 -0.66 11.98 -10.62
C ARG B 197 0.02 12.00 -12.01
N ILE B 198 -0.03 10.86 -12.75
CA ILE B 198 0.49 10.83 -14.12
C ILE B 198 -0.34 11.83 -15.00
N LEU B 199 -1.66 11.76 -14.84
CA LEU B 199 -2.61 12.62 -15.54
C LEU B 199 -2.32 14.13 -15.24
N GLN B 200 -2.00 14.47 -13.98
CA GLN B 200 -1.66 15.84 -13.61
C GLN B 200 -0.52 16.43 -14.49
N HIS B 201 0.41 15.58 -14.92
CA HIS B 201 1.57 15.99 -15.72
C HIS B 201 1.48 15.55 -17.20
N SER B 202 0.25 15.28 -17.68
CA SER B 202 0.09 14.80 -19.06
C SER B 202 -0.85 15.67 -19.87
N HIS B 203 -0.88 16.98 -19.60
CA HIS B 203 -1.78 17.89 -20.33
C HIS B 203 -1.21 18.38 -21.66
N GLY B 204 0.08 18.18 -21.92
CA GLY B 204 0.76 18.64 -23.13
C GLY B 204 0.20 18.11 -24.43
N ILE B 205 -0.31 16.85 -24.41
CA ILE B 205 -0.92 16.22 -25.58
CA ILE B 205 -0.92 16.23 -25.58
C ILE B 205 -2.38 15.90 -25.20
N GLU B 206 -3.35 16.56 -25.84
CA GLU B 206 -4.76 16.34 -25.52
C GLU B 206 -5.21 14.87 -25.65
N GLU B 207 -4.76 14.14 -26.68
CA GLU B 207 -5.07 12.71 -26.82
C GLU B 207 -4.63 11.92 -25.55
N GLU B 208 -3.45 12.27 -24.99
CA GLU B 208 -2.93 11.57 -23.81
C GLU B 208 -3.72 11.90 -22.55
N ARG B 209 -4.06 13.20 -22.36
CA ARG B 209 -4.88 13.63 -21.23
C ARG B 209 -6.24 12.89 -21.26
N GLN B 210 -6.85 12.81 -22.45
CA GLN B 210 -8.12 12.10 -22.62
C GLN B 210 -7.99 10.61 -22.30
N ASP B 211 -7.00 9.92 -22.89
CA ASP B 211 -6.78 8.49 -22.59
C ASP B 211 -6.56 8.19 -21.10
N LEU B 212 -5.77 9.02 -20.42
CA LEU B 212 -5.53 8.80 -18.98
C LEU B 212 -6.80 9.08 -18.18
N THR B 213 -7.63 10.07 -18.62
CA THR B 213 -8.89 10.36 -17.95
C THR B 213 -9.83 9.13 -18.09
N THR B 214 -9.89 8.53 -19.31
CA THR B 214 -10.69 7.33 -19.52
C THR B 214 -10.14 6.16 -18.62
N ALA B 215 -8.81 5.98 -18.59
CA ALA B 215 -8.20 4.91 -17.78
C ALA B 215 -8.54 5.04 -16.32
N LEU B 216 -8.49 6.28 -15.79
CA LEU B 216 -8.78 6.54 -14.38
C LEU B 216 -10.24 6.16 -14.07
N GLY B 217 -11.16 6.50 -14.97
CA GLY B 217 -12.56 6.14 -14.84
C GLY B 217 -12.79 4.63 -14.83
N LEU B 218 -12.09 3.88 -15.72
CA LEU B 218 -12.20 2.42 -15.77
C LEU B 218 -11.67 1.75 -14.48
N VAL B 219 -10.50 2.21 -13.96
CA VAL B 219 -9.92 1.66 -12.73
C VAL B 219 -10.88 1.88 -11.55
N LYS B 220 -11.50 3.06 -11.48
CA LYS B 220 -12.46 3.35 -10.41
C LYS B 220 -13.69 2.46 -10.53
N GLU B 221 -14.19 2.19 -11.76
CA GLU B 221 -15.35 1.31 -11.96
CA GLU B 221 -15.35 1.32 -11.91
C GLU B 221 -14.98 -0.10 -11.48
N LEU B 222 -13.78 -0.57 -11.85
CA LEU B 222 -13.29 -1.90 -11.45
C LEU B 222 -13.24 -1.99 -9.91
N LEU B 223 -12.64 -0.99 -9.25
CA LEU B 223 -12.58 -0.97 -7.78
C LEU B 223 -13.96 -0.99 -7.11
N SER B 224 -14.91 -0.20 -7.64
CA SER B 224 -16.26 -0.17 -7.08
CA SER B 224 -16.27 -0.16 -7.10
C SER B 224 -16.92 -1.55 -7.18
N ASN B 225 -16.72 -2.25 -8.33
CA ASN B 225 -17.29 -3.59 -8.53
C ASN B 225 -16.65 -4.61 -7.57
N VAL B 226 -15.32 -4.57 -7.41
CA VAL B 226 -14.63 -5.49 -6.48
C VAL B 226 -15.15 -5.27 -5.04
N ASP B 227 -15.17 -3.99 -4.60
CA ASP B 227 -15.62 -3.59 -3.27
C ASP B 227 -17.06 -4.10 -3.00
N GLU B 228 -17.96 -4.00 -4.00
CA GLU B 228 -19.32 -4.48 -3.87
C GLU B 228 -19.44 -6.03 -3.89
N GLY B 229 -18.44 -6.71 -4.44
CA GLY B 229 -18.48 -8.17 -4.54
C GLY B 229 -17.77 -8.91 -3.42
N ILE B 230 -17.36 -8.21 -2.36
CA ILE B 230 -16.62 -8.82 -1.25
C ILE B 230 -17.53 -9.16 -0.07
N TYR B 231 -17.36 -10.36 0.48
CA TYR B 231 -18.01 -10.81 1.71
C TYR B 231 -17.01 -11.80 2.32
N GLN B 232 -16.45 -11.51 3.53
CA GLN B 232 -15.44 -12.39 4.12
C GLN B 232 -15.94 -13.78 4.43
N LEU B 233 -15.26 -14.78 3.89
CA LEU B 233 -15.57 -16.16 4.18
C LEU B 233 -14.98 -16.49 5.56
N GLU B 234 -15.67 -17.35 6.31
CA GLU B 234 -15.18 -17.77 7.61
C GLU B 234 -15.26 -19.29 7.68
N LYS B 235 -14.16 -19.95 8.05
CA LYS B 235 -14.16 -21.41 8.15
C LYS B 235 -15.15 -21.87 9.23
N GLY B 236 -16.04 -22.79 8.87
CA GLY B 236 -17.04 -23.28 9.81
C GLY B 236 -18.21 -22.33 10.00
N ALA B 237 -18.44 -21.41 9.04
CA ALA B 237 -19.58 -20.50 9.13
C ALA B 237 -20.85 -21.26 8.86
N ARG B 238 -21.91 -20.96 9.61
CA ARG B 238 -23.18 -21.63 9.43
C ARG B 238 -24.06 -20.84 8.46
N LEU B 239 -24.90 -21.55 7.71
CA LEU B 239 -25.82 -20.94 6.76
CA LEU B 239 -25.79 -20.92 6.76
C LEU B 239 -26.68 -19.85 7.41
N GLN B 240 -27.17 -20.12 8.64
CA GLN B 240 -27.99 -19.15 9.38
C GLN B 240 -27.21 -17.83 9.59
N GLU B 241 -25.93 -17.92 9.93
CA GLU B 241 -25.09 -16.71 10.09
C GLU B 241 -24.95 -15.98 8.73
N ILE B 242 -24.83 -16.73 7.63
CA ILE B 242 -24.71 -16.14 6.29
C ILE B 242 -25.99 -15.43 5.84
N TYR B 243 -27.17 -16.12 5.82
CA TYR B 243 -28.40 -15.46 5.36
C TYR B 243 -28.95 -14.43 6.33
N ASN B 244 -28.41 -14.32 7.57
CA ASN B 244 -28.84 -13.25 8.48
C ASN B 244 -27.91 -12.02 8.39
N ARG B 245 -27.13 -11.88 7.29
CA ARG B 245 -26.25 -10.73 7.09
C ARG B 245 -27.08 -9.47 6.84
C10 YXU C . -18.07 0.72 10.84
C01 YXU C . -16.21 0.29 7.10
O02 YXU C . -17.17 -0.62 7.56
C03 YXU C . -17.66 -0.51 8.87
C04 YXU C . -18.33 -1.62 9.39
C05 YXU C . -18.88 -1.54 10.67
C06 YXU C . -18.71 -0.34 11.40
N07 YXU C . -19.13 0.03 12.65
C08 YXU C . -18.76 1.27 12.91
C09 YXU C . -18.09 1.77 11.79
N11 YXU C . -17.57 0.62 9.58
S DMS D . 1.21 18.43 21.90
O DMS D . 0.03 19.00 22.68
C1 DMS D . 2.61 18.34 23.03
C2 DMS D . 1.77 19.70 20.73
S DMS E . 11.04 17.59 -3.85
O DMS E . 10.49 16.80 -5.00
C1 DMS E . 9.64 18.09 -2.80
C2 DMS E . 11.40 19.27 -4.44
S DMS F . -1.38 -8.73 8.13
O DMS F . -0.03 -8.09 7.86
C1 DMS F . -2.58 -7.45 8.24
C2 DMS F . -1.41 -9.17 9.90
C FMT G . -5.23 17.53 28.37
O1 FMT G . -4.25 16.92 28.82
O2 FMT G . -5.23 18.26 27.23
C FMT H . 12.68 -2.51 5.85
O1 FMT H . 11.54 -2.89 5.60
O2 FMT H . 13.68 -2.40 4.92
C FMT I . -14.06 7.01 6.49
O1 FMT I . -14.49 8.14 6.32
O2 FMT I . -13.78 6.50 7.71
C FMT J . -14.61 -7.55 14.58
O1 FMT J . -15.51 -6.76 14.32
O2 FMT J . -13.31 -7.40 14.22
C FMT K . -11.49 -6.91 8.87
O1 FMT K . -10.98 -6.66 9.96
O2 FMT K . -11.15 -7.98 8.12
C10 YXU L . 7.67 16.14 -9.24
C01 YXU L . 7.65 19.68 -6.93
O02 YXU L . 8.85 19.12 -7.44
C03 YXU L . 8.80 17.90 -8.15
C04 YXU L . 10.04 17.34 -8.47
C05 YXU L . 10.08 16.15 -9.18
C06 YXU L . 8.86 15.53 -9.56
N07 YXU L . 8.60 14.38 -10.25
C08 YXU L . 7.28 14.22 -10.36
C09 YXU L . 6.64 15.30 -9.75
N11 YXU L . 7.66 17.31 -8.52
C10 YXU M . -0.97 13.30 -6.49
C01 YXU M . 2.87 13.04 -3.62
O02 YXU M . 1.98 13.78 -4.44
C03 YXU M . 0.82 13.16 -4.96
C04 YXU M . 0.34 11.94 -4.47
C05 YXU M . -0.84 11.40 -5.00
C06 YXU M . -1.49 12.09 -6.06
N07 YXU M . -2.61 11.82 -6.77
C08 YXU M . -2.84 12.81 -7.64
C09 YXU M . -1.84 13.77 -7.52
N11 YXU M . 0.16 13.81 -5.92
S DMS N . 13.89 5.92 -30.15
O DMS N . 12.81 4.93 -29.79
C1 DMS N . 13.80 7.31 -28.97
C2 DMS N . 13.29 6.87 -31.61
S DMS O . 3.17 15.95 -20.92
O DMS O . 2.44 17.20 -20.51
C1 DMS O . 4.83 16.07 -20.20
C2 DMS O . 3.68 16.18 -22.64
S DMS P . 4.27 -25.69 18.56
O DMS P . 5.44 -25.73 17.61
C1 DMS P . 4.93 -25.63 20.24
C2 DMS P . 3.60 -27.38 18.70
S DMS Q . 14.73 19.78 -16.14
O DMS Q . 15.68 18.74 -16.67
C1 DMS Q . 15.04 21.32 -17.05
C2 DMS Q . 15.39 20.36 -14.56
S DMS R . 19.13 15.03 -10.75
O DMS R . 17.67 14.66 -10.67
C1 DMS R . 19.79 15.07 -9.06
C2 DMS R . 19.23 16.82 -11.03
C FMT S . 3.15 11.72 -28.10
O1 FMT S . 2.70 10.91 -28.89
O2 FMT S . 2.52 12.12 -26.97
C FMT T . 5.44 5.26 -25.96
O1 FMT T . 4.53 5.05 -25.21
O2 FMT T . 5.85 6.49 -26.28
C FMT U . -7.77 10.18 -7.59
O1 FMT U . -8.79 10.33 -8.27
O2 FMT U . -7.35 9.01 -7.07
C FMT V . -10.78 -17.00 -9.37
O1 FMT V . -11.42 -16.13 -9.93
O2 FMT V . -9.42 -17.04 -9.28
C FMT W . -12.87 2.10 -23.69
O1 FMT W . -13.51 2.82 -22.94
O2 FMT W . -12.79 0.75 -23.56
C FMT X . -15.92 -21.15 2.78
O1 FMT X . -14.76 -21.44 3.05
O2 FMT X . -16.78 -20.51 3.63
C FMT Y . 6.25 15.15 -28.23
O1 FMT Y . 5.87 16.31 -28.11
O2 FMT Y . 5.70 14.09 -27.58
#